data_9EP5
#
_entry.id   9EP5
#
_cell.length_a   41.84
_cell.length_b   185.324
_cell.length_c   128.391
_cell.angle_alpha   90
_cell.angle_beta   90
_cell.angle_gamma   90
#
_symmetry.space_group_name_H-M   'C 2 2 21'
#
loop_
_entity.id
_entity.type
_entity.pdbx_description
1 polymer 'Glycoside-hydrolase family GH114 TIM-barrel domain-containing protein'
2 non-polymer 'SULFATE ION'
3 water water
#
_entity_poly.entity_id   1
_entity_poly.type   'polypeptide(L)'
_entity_poly.pdbx_seq_one_letter_code
;DAGTPTDAGTPTDAGTPTDAGTPTDAGTQVPWSNVKSFTYQLTNYPQGKLDAIAASKFDLAIVELVRDGSSGYFTAAEIS
ALKARGKQVLAYFEIGAIEEYRPEWSQVPADLKLGPVSGWPDEQYVKYWDERWWPIVQGRIDRALAAGFNGCYLDMVVTY
EEIPANSAGTNRADLARKMVALIARINTYAKARNPDFKVVPQNSPELVDDPAYLPAIDGLGMEDMYWSDDVACDEGWCEE
NRTNAARVRAAGKLVLSTDYATQSAHVADAYTRSRAAGFVPYVTVRALDRVTVNAGWDPQ
;
_entity_poly.pdbx_strand_id   A,D
#
# COMPACT_ATOMS: atom_id res chain seq x y z
N GLN A 29 9.86 -8.20 20.93
CA GLN A 29 8.86 -8.78 19.98
C GLN A 29 7.45 -8.46 20.50
N VAL A 30 6.53 -8.24 19.56
CA VAL A 30 5.12 -8.22 19.88
C VAL A 30 4.76 -9.62 20.37
N PRO A 31 4.16 -9.77 21.56
CA PRO A 31 3.69 -11.07 22.04
C PRO A 31 2.62 -11.65 21.13
N TRP A 32 2.59 -12.99 21.07
CA TRP A 32 1.62 -13.74 20.29
C TRP A 32 0.20 -13.26 20.56
N SER A 33 -0.11 -13.04 21.86
CA SER A 33 -1.45 -12.66 22.27
C SER A 33 -1.82 -11.24 21.83
N ASN A 34 -0.86 -10.42 21.40
N ASN A 34 -0.85 -10.44 21.39
CA ASN A 34 -1.19 -9.06 21.00
CA ASN A 34 -1.11 -9.05 21.02
C ASN A 34 -0.93 -8.82 19.52
C ASN A 34 -0.92 -8.81 19.53
N VAL A 35 -0.78 -9.87 18.72
CA VAL A 35 -0.62 -9.72 17.27
C VAL A 35 -1.93 -9.17 16.69
N LYS A 36 -1.85 -8.05 16.00
CA LYS A 36 -3.01 -7.36 15.48
C LYS A 36 -2.92 -7.03 13.99
N SER A 37 -1.79 -7.37 13.35
CA SER A 37 -1.56 -7.14 11.94
C SER A 37 -0.51 -8.12 11.45
N PHE A 38 -0.56 -8.50 10.17
CA PHE A 38 0.46 -9.35 9.59
C PHE A 38 0.60 -9.10 8.10
N THR A 39 1.80 -9.36 7.58
CA THR A 39 2.00 -9.45 6.15
C THR A 39 2.46 -10.86 5.80
N TYR A 40 2.41 -11.16 4.52
CA TYR A 40 2.45 -12.52 4.01
C TYR A 40 3.02 -12.43 2.59
N GLN A 41 4.27 -12.88 2.44
CA GLN A 41 4.92 -12.83 1.14
C GLN A 41 5.77 -14.08 0.96
N LEU A 42 5.51 -14.79 -0.15
CA LEU A 42 6.11 -16.09 -0.38
C LEU A 42 7.15 -16.05 -1.51
N THR A 43 7.24 -14.98 -2.30
CA THR A 43 8.14 -15.00 -3.45
C THR A 43 8.49 -13.56 -3.81
N ASN A 44 9.39 -13.41 -4.80
CA ASN A 44 9.75 -12.09 -5.32
C ASN A 44 10.35 -11.20 -4.22
N TYR A 45 11.16 -11.81 -3.35
CA TYR A 45 11.89 -11.08 -2.33
C TYR A 45 12.95 -10.25 -3.06
N PRO A 46 13.00 -8.91 -2.92
CA PRO A 46 13.95 -8.10 -3.69
C PRO A 46 15.37 -8.46 -3.29
N GLN A 47 16.17 -8.81 -4.33
CA GLN A 47 17.55 -9.20 -4.19
C GLN A 47 17.65 -10.43 -3.28
N GLY A 48 16.55 -11.17 -3.20
CA GLY A 48 16.46 -12.38 -2.41
C GLY A 48 16.50 -12.10 -0.91
N LYS A 49 16.15 -10.88 -0.50
CA LYS A 49 16.29 -10.42 0.87
C LYS A 49 14.96 -10.00 1.47
N LEU A 50 14.93 -9.90 2.80
CA LEU A 50 13.72 -9.60 3.56
C LEU A 50 13.65 -8.14 4.02
N ASP A 51 14.44 -7.25 3.40
CA ASP A 51 14.59 -5.88 3.92
C ASP A 51 13.27 -5.10 3.88
N ALA A 52 12.48 -5.25 2.81
CA ALA A 52 11.21 -4.55 2.72
C ALA A 52 10.23 -5.08 3.78
N ILE A 53 10.27 -6.39 4.04
CA ILE A 53 9.40 -6.96 5.06
C ILE A 53 9.85 -6.46 6.43
N ALA A 54 11.18 -6.44 6.65
CA ALA A 54 11.73 -5.99 7.92
C ALA A 54 11.30 -4.56 8.23
N ALA A 55 11.29 -3.71 7.19
CA ALA A 55 10.97 -2.30 7.36
C ALA A 55 9.48 -2.06 7.55
N SER A 56 8.61 -2.98 7.10
CA SER A 56 7.17 -2.80 7.20
C SER A 56 6.73 -2.75 8.67
N LYS A 57 5.52 -2.26 8.95
CA LYS A 57 5.14 -2.03 10.35
C LYS A 57 4.19 -3.09 10.96
N PHE A 58 4.08 -4.24 10.33
CA PHE A 58 3.22 -5.33 10.74
C PHE A 58 3.80 -6.05 11.96
N ASP A 59 2.90 -6.60 12.78
CA ASP A 59 3.29 -7.35 13.97
C ASP A 59 3.85 -8.74 13.66
N LEU A 60 3.54 -9.27 12.46
CA LEU A 60 3.85 -10.65 12.15
C LEU A 60 4.07 -10.73 10.65
N ALA A 61 5.02 -11.55 10.25
CA ALA A 61 5.25 -11.84 8.83
C ALA A 61 5.26 -13.33 8.61
N ILE A 62 4.62 -13.75 7.49
CA ILE A 62 4.69 -15.09 6.98
C ILE A 62 5.57 -15.04 5.73
N VAL A 63 6.68 -15.78 5.76
CA VAL A 63 7.58 -15.92 4.63
C VAL A 63 7.96 -17.38 4.45
N GLU A 64 8.45 -17.72 3.23
CA GLU A 64 8.97 -19.06 3.02
C GLU A 64 10.23 -19.27 3.84
N LEU A 65 10.60 -20.54 4.06
CA LEU A 65 11.88 -20.92 4.60
C LEU A 65 13.02 -20.46 3.70
N VAL A 66 12.73 -20.24 2.39
CA VAL A 66 13.73 -20.13 1.34
C VAL A 66 13.47 -18.89 0.51
N ARG A 67 14.55 -18.28 0.03
CA ARG A 67 14.46 -17.01 -0.67
C ARG A 67 14.12 -17.17 -2.15
N ASP A 68 14.12 -18.39 -2.62
CA ASP A 68 14.16 -18.70 -4.03
C ASP A 68 13.16 -19.79 -4.41
N GLY A 69 12.26 -20.13 -3.50
CA GLY A 69 11.24 -21.13 -3.75
C GLY A 69 11.80 -22.54 -3.72
N SER A 70 13.10 -22.69 -3.45
CA SER A 70 13.74 -23.99 -3.59
C SER A 70 14.62 -24.30 -2.37
N SER A 71 15.94 -24.06 -2.43
CA SER A 71 16.78 -24.55 -1.35
C SER A 71 17.65 -23.48 -0.70
N GLY A 72 17.38 -22.21 -1.03
CA GLY A 72 18.16 -21.10 -0.49
C GLY A 72 17.54 -20.63 0.83
N TYR A 73 17.83 -21.35 1.90
CA TYR A 73 17.22 -21.09 3.20
C TYR A 73 17.67 -19.73 3.73
N PHE A 74 16.69 -18.93 4.21
CA PHE A 74 17.03 -17.76 5.00
C PHE A 74 17.79 -18.13 6.28
N THR A 75 18.78 -17.31 6.64
CA THR A 75 19.67 -17.62 7.74
C THR A 75 19.06 -17.07 9.03
N ALA A 76 19.52 -17.55 10.17
CA ALA A 76 19.14 -17.02 11.47
C ALA A 76 19.36 -15.51 11.52
N ALA A 77 20.50 -15.06 10.99
CA ALA A 77 20.78 -13.64 10.97
C ALA A 77 19.70 -12.86 10.23
N GLU A 78 19.23 -13.39 9.08
CA GLU A 78 18.22 -12.68 8.31
C GLU A 78 16.88 -12.66 9.06
N ILE A 79 16.52 -13.79 9.66
CA ILE A 79 15.28 -13.83 10.42
C ILE A 79 15.37 -12.96 11.67
N SER A 80 16.55 -12.93 12.32
CA SER A 80 16.75 -12.11 13.51
C SER A 80 16.50 -10.64 13.16
N ALA A 81 16.91 -10.23 11.96
CA ALA A 81 16.75 -8.86 11.52
C ALA A 81 15.24 -8.47 11.49
N LEU A 82 14.32 -9.39 11.14
CA LEU A 82 12.89 -9.10 11.21
C LEU A 82 12.42 -9.02 12.66
N LYS A 83 12.88 -9.98 13.48
CA LYS A 83 12.43 -10.06 14.84
C LYS A 83 12.88 -8.83 15.63
N ALA A 84 14.04 -8.27 15.26
CA ALA A 84 14.61 -7.16 16.03
C ALA A 84 13.75 -5.90 15.85
N ARG A 85 13.01 -5.86 14.74
CA ARG A 85 12.05 -4.82 14.45
C ARG A 85 10.72 -5.12 15.13
N GLY A 86 10.65 -6.20 15.94
CA GLY A 86 9.50 -6.48 16.79
C GLY A 86 8.53 -7.52 16.22
N LYS A 87 8.75 -7.99 14.98
CA LYS A 87 7.82 -8.91 14.34
C LYS A 87 7.99 -10.33 14.86
N GLN A 88 6.85 -11.03 14.99
CA GLN A 88 6.82 -12.48 14.99
C GLN A 88 7.01 -12.94 13.56
N VAL A 89 7.68 -14.06 13.32
CA VAL A 89 7.89 -14.51 11.96
C VAL A 89 7.50 -15.96 11.89
N LEU A 90 6.60 -16.30 10.94
CA LEU A 90 6.21 -17.69 10.74
C LEU A 90 6.80 -18.16 9.40
N ALA A 91 7.25 -19.43 9.41
CA ALA A 91 7.77 -20.08 8.24
C ALA A 91 6.63 -20.82 7.56
N TYR A 92 6.29 -20.37 6.36
CA TYR A 92 5.43 -21.12 5.45
C TYR A 92 6.19 -22.32 4.92
N PHE A 93 5.53 -23.47 5.02
CA PHE A 93 5.90 -24.62 4.23
C PHE A 93 4.71 -25.55 4.07
N GLU A 94 4.78 -26.38 3.03
CA GLU A 94 3.73 -27.30 2.71
C GLU A 94 3.93 -28.62 3.44
N ILE A 95 2.81 -29.25 3.79
CA ILE A 95 2.89 -30.55 4.47
C ILE A 95 2.12 -31.62 3.70
N GLY A 96 1.54 -31.24 2.55
CA GLY A 96 0.63 -32.11 1.83
C GLY A 96 1.00 -32.35 0.39
N ALA A 97 2.12 -31.79 -0.07
CA ALA A 97 2.45 -31.88 -1.47
C ALA A 97 3.94 -31.65 -1.60
N ILE A 98 4.49 -32.03 -2.74
CA ILE A 98 5.89 -31.79 -3.05
C ILE A 98 5.98 -31.29 -4.48
N GLU A 99 7.03 -30.53 -4.78
CA GLU A 99 7.23 -29.97 -6.09
C GLU A 99 8.65 -30.27 -6.53
N GLU A 100 8.80 -30.46 -7.87
CA GLU A 100 10.08 -30.84 -8.44
C GLU A 100 11.17 -29.82 -8.16
N TYR A 101 10.78 -28.56 -8.00
CA TYR A 101 11.73 -27.48 -7.82
C TYR A 101 12.13 -27.37 -6.34
N ARG A 102 11.56 -28.20 -5.46
CA ARG A 102 11.96 -28.23 -4.06
C ARG A 102 13.00 -29.31 -3.83
N PRO A 103 13.91 -29.09 -2.85
CA PRO A 103 15.08 -29.96 -2.73
C PRO A 103 14.74 -31.39 -2.33
N GLU A 104 13.60 -31.62 -1.68
CA GLU A 104 13.29 -32.94 -1.19
C GLU A 104 12.66 -33.81 -2.30
N TRP A 105 12.40 -33.26 -3.48
CA TRP A 105 11.72 -34.00 -4.54
C TRP A 105 12.29 -35.41 -4.74
N SER A 106 13.62 -35.52 -4.80
CA SER A 106 14.29 -36.77 -5.10
C SER A 106 14.17 -37.78 -3.96
N GLN A 107 13.80 -37.34 -2.76
CA GLN A 107 13.53 -38.24 -1.66
C GLN A 107 12.11 -38.77 -1.68
N VAL A 108 11.27 -38.31 -2.61
CA VAL A 108 9.90 -38.76 -2.65
C VAL A 108 9.74 -39.83 -3.75
N PRO A 109 9.62 -41.13 -3.42
CA PRO A 109 9.37 -42.14 -4.43
C PRO A 109 7.96 -42.07 -5.00
N ALA A 110 7.80 -42.76 -6.14
CA ALA A 110 6.53 -42.78 -6.85
C ALA A 110 5.44 -43.25 -5.93
N ASP A 111 5.74 -44.18 -5.02
CA ASP A 111 4.74 -44.74 -4.12
C ASP A 111 4.21 -43.72 -3.13
N LEU A 112 4.88 -42.56 -2.94
CA LEU A 112 4.37 -41.51 -2.07
C LEU A 112 3.51 -40.52 -2.85
N LYS A 113 3.57 -40.54 -4.19
CA LYS A 113 2.87 -39.51 -4.97
C LYS A 113 1.45 -39.96 -5.24
N LEU A 114 0.51 -39.01 -5.23
CA LEU A 114 -0.88 -39.33 -5.41
C LEU A 114 -1.47 -38.62 -6.63
N GLY A 115 -0.69 -37.79 -7.31
CA GLY A 115 -1.19 -37.17 -8.52
C GLY A 115 -0.91 -35.68 -8.55
N PRO A 116 -0.99 -35.08 -9.77
CA PRO A 116 -0.76 -33.65 -9.98
C PRO A 116 -1.74 -32.79 -9.22
N VAL A 117 -1.22 -31.68 -8.68
CA VAL A 117 -2.01 -30.77 -7.90
C VAL A 117 -2.86 -29.97 -8.87
N SER A 118 -2.23 -29.41 -9.91
CA SER A 118 -2.96 -28.55 -10.81
C SER A 118 -2.75 -28.98 -12.26
N GLY A 119 -2.75 -30.30 -12.51
CA GLY A 119 -2.50 -30.85 -13.84
C GLY A 119 -1.01 -31.06 -14.15
N TRP A 120 -0.10 -30.32 -13.50
CA TRP A 120 1.32 -30.42 -13.84
C TRP A 120 2.00 -31.47 -12.96
N PRO A 121 2.59 -32.57 -13.52
CA PRO A 121 3.12 -33.65 -12.68
C PRO A 121 4.33 -33.31 -11.83
N ASP A 122 4.86 -32.10 -11.99
CA ASP A 122 5.99 -31.63 -11.18
C ASP A 122 5.51 -31.10 -9.84
N GLU A 123 4.20 -31.12 -9.58
CA GLU A 123 3.66 -30.76 -8.27
C GLU A 123 2.67 -31.86 -7.90
N GLN A 124 3.01 -32.62 -6.87
CA GLN A 124 2.28 -33.83 -6.55
C GLN A 124 1.75 -33.75 -5.12
N TYR A 125 0.50 -34.13 -4.95
CA TYR A 125 -0.01 -34.51 -3.65
C TYR A 125 0.77 -35.73 -3.19
N VAL A 126 0.95 -35.86 -1.88
CA VAL A 126 1.68 -36.98 -1.31
C VAL A 126 0.86 -37.70 -0.24
N LYS A 127 1.28 -38.94 0.03
CA LYS A 127 0.76 -39.72 1.11
C LYS A 127 1.37 -39.16 2.40
N TYR A 128 0.71 -38.15 2.93
CA TYR A 128 1.27 -37.33 4.00
C TYR A 128 1.28 -38.09 5.34
N TRP A 129 0.57 -39.21 5.41
CA TRP A 129 0.49 -40.05 6.60
C TRP A 129 1.60 -41.10 6.59
N ASP A 130 2.31 -41.21 5.47
CA ASP A 130 3.28 -42.28 5.32
C ASP A 130 4.54 -41.90 6.09
N GLU A 131 5.16 -42.87 6.75
N GLU A 131 5.16 -42.87 6.75
CA GLU A 131 6.32 -42.61 7.58
CA GLU A 131 6.32 -42.61 7.58
C GLU A 131 7.46 -42.03 6.73
C GLU A 131 7.46 -42.04 6.73
N ARG A 132 7.50 -42.36 5.43
CA ARG A 132 8.55 -41.84 4.56
C ARG A 132 8.37 -40.35 4.27
N TRP A 133 7.18 -39.78 4.50
CA TRP A 133 6.98 -38.35 4.30
C TRP A 133 7.47 -37.55 5.53
N TRP A 134 7.46 -38.19 6.69
CA TRP A 134 7.76 -37.51 7.93
C TRP A 134 9.13 -36.86 7.91
N PRO A 135 10.23 -37.50 7.44
CA PRO A 135 11.53 -36.80 7.41
C PRO A 135 11.53 -35.49 6.63
N ILE A 136 10.73 -35.40 5.59
CA ILE A 136 10.64 -34.16 4.81
C ILE A 136 10.01 -33.08 5.66
N VAL A 137 8.88 -33.43 6.31
CA VAL A 137 8.22 -32.51 7.20
C VAL A 137 9.14 -32.13 8.35
N GLN A 138 9.74 -33.13 8.98
CA GLN A 138 10.66 -32.89 10.09
C GLN A 138 11.79 -31.97 9.69
N GLY A 139 12.34 -32.18 8.51
CA GLY A 139 13.45 -31.37 7.99
C GLY A 139 13.05 -29.90 7.82
N ARG A 140 11.77 -29.63 7.53
CA ARG A 140 11.26 -28.28 7.37
C ARG A 140 11.10 -27.64 8.75
N ILE A 141 10.62 -28.41 9.72
CA ILE A 141 10.51 -27.93 11.08
C ILE A 141 11.93 -27.57 11.56
N ASP A 142 12.88 -28.49 11.36
CA ASP A 142 14.25 -28.26 11.78
C ASP A 142 14.88 -27.03 11.15
N ARG A 143 14.65 -26.82 9.84
CA ARG A 143 15.07 -25.58 9.20
C ARG A 143 14.40 -24.35 9.80
N ALA A 144 13.09 -24.43 10.14
CA ALA A 144 12.42 -23.32 10.75
C ALA A 144 13.08 -23.01 12.09
N LEU A 145 13.44 -24.04 12.86
CA LEU A 145 14.04 -23.83 14.17
C LEU A 145 15.46 -23.28 13.97
N ALA A 146 16.17 -23.85 13.01
CA ALA A 146 17.56 -23.43 12.77
C ALA A 146 17.70 -21.97 12.37
N ALA A 147 16.68 -21.40 11.76
CA ALA A 147 16.68 -20.01 11.33
C ALA A 147 15.98 -19.12 12.38
N GLY A 148 15.46 -19.72 13.48
CA GLY A 148 14.94 -18.96 14.57
C GLY A 148 13.57 -18.35 14.31
N PHE A 149 12.78 -19.00 13.40
CA PHE A 149 11.41 -18.60 13.22
C PHE A 149 10.67 -18.75 14.54
N ASN A 150 9.58 -18.00 14.70
CA ASN A 150 8.71 -18.08 15.86
C ASN A 150 7.71 -19.23 15.76
N GLY A 151 7.57 -19.76 14.54
CA GLY A 151 6.57 -20.78 14.31
C GLY A 151 6.53 -21.18 12.83
N CYS A 152 5.56 -22.01 12.52
CA CYS A 152 5.31 -22.55 11.19
C CYS A 152 3.90 -22.20 10.71
N TYR A 153 3.78 -22.08 9.39
CA TYR A 153 2.52 -21.76 8.75
C TYR A 153 2.32 -22.82 7.68
N LEU A 154 1.39 -23.75 7.91
CA LEU A 154 1.41 -25.03 7.23
C LEU A 154 0.40 -25.02 6.09
N ASP A 155 0.90 -25.21 4.87
CA ASP A 155 0.01 -25.21 3.72
C ASP A 155 -0.17 -26.63 3.20
N MET A 156 -1.19 -26.77 2.35
CA MET A 156 -1.60 -28.00 1.71
C MET A 156 -2.13 -28.98 2.77
N VAL A 157 -2.67 -28.45 3.87
CA VAL A 157 -3.60 -29.20 4.70
C VAL A 157 -4.77 -29.72 3.85
N VAL A 158 -5.26 -28.86 2.94
CA VAL A 158 -6.36 -29.22 2.04
C VAL A 158 -6.09 -30.49 1.23
N THR A 159 -4.85 -30.96 1.10
CA THR A 159 -4.56 -32.23 0.50
C THR A 159 -5.50 -33.31 1.02
N TYR A 160 -5.90 -33.25 2.30
CA TYR A 160 -6.72 -34.32 2.85
C TYR A 160 -8.00 -34.51 2.05
N GLU A 161 -8.52 -33.42 1.45
CA GLU A 161 -9.80 -33.49 0.74
C GLU A 161 -9.63 -33.45 -0.78
N GLU A 162 -8.43 -33.17 -1.26
CA GLU A 162 -8.17 -32.98 -2.68
C GLU A 162 -7.66 -34.23 -3.38
N ILE A 163 -7.21 -35.22 -2.58
CA ILE A 163 -6.81 -36.48 -3.10
C ILE A 163 -8.01 -37.42 -3.14
N PRO A 164 -7.93 -38.52 -3.92
CA PRO A 164 -9.02 -39.50 -3.93
C PRO A 164 -9.30 -40.01 -2.51
N ALA A 165 -10.59 -40.20 -2.20
CA ALA A 165 -11.03 -40.55 -0.86
C ALA A 165 -10.48 -41.91 -0.46
N ASN A 166 -10.10 -42.74 -1.44
CA ASN A 166 -9.58 -44.08 -1.15
C ASN A 166 -8.06 -44.14 -1.16
N SER A 167 -7.38 -43.00 -1.05
CA SER A 167 -5.94 -42.94 -1.25
C SER A 167 -5.17 -43.79 -0.22
N ALA A 168 -5.70 -43.89 1.01
CA ALA A 168 -5.09 -44.69 2.06
C ALA A 168 -5.79 -46.03 2.21
N GLY A 169 -6.60 -46.41 1.21
CA GLY A 169 -7.45 -47.59 1.29
C GLY A 169 -8.56 -47.45 2.31
N THR A 170 -8.94 -46.22 2.69
CA THR A 170 -9.97 -45.98 3.68
C THR A 170 -11.01 -45.04 3.08
N ASN A 171 -11.22 -43.87 3.69
CA ASN A 171 -12.22 -42.92 3.24
C ASN A 171 -11.82 -41.52 3.64
N ARG A 172 -12.68 -40.56 3.31
CA ARG A 172 -12.33 -39.15 3.47
C ARG A 172 -12.15 -38.83 4.96
N ALA A 173 -12.99 -39.41 5.83
CA ALA A 173 -12.94 -39.08 7.25
C ALA A 173 -11.62 -39.55 7.83
N ASP A 174 -11.12 -40.68 7.33
CA ASP A 174 -9.86 -41.24 7.80
C ASP A 174 -8.70 -40.38 7.32
N LEU A 175 -8.81 -39.87 6.08
CA LEU A 175 -7.82 -38.95 5.56
C LEU A 175 -7.79 -37.69 6.42
N ALA A 176 -8.96 -37.20 6.83
CA ALA A 176 -9.04 -36.06 7.73
C ALA A 176 -8.31 -36.34 9.05
N ARG A 177 -8.59 -37.51 9.68
CA ARG A 177 -7.92 -37.85 10.95
C ARG A 177 -6.41 -37.94 10.74
N LYS A 178 -5.97 -38.45 9.60
CA LYS A 178 -4.55 -38.54 9.30
C LYS A 178 -3.87 -37.18 9.17
N MET A 179 -4.59 -36.21 8.60
CA MET A 179 -4.00 -34.89 8.44
C MET A 179 -3.93 -34.20 9.80
N VAL A 180 -4.96 -34.37 10.63
CA VAL A 180 -4.89 -33.84 11.99
C VAL A 180 -3.77 -34.51 12.78
N ALA A 181 -3.59 -35.82 12.61
CA ALA A 181 -2.50 -36.54 13.28
C ALA A 181 -1.13 -35.98 12.86
N LEU A 182 -1.01 -35.63 11.59
CA LEU A 182 0.26 -35.04 11.13
C LEU A 182 0.51 -33.68 11.76
N ILE A 183 -0.54 -32.83 11.80
CA ILE A 183 -0.40 -31.55 12.47
C ILE A 183 -0.04 -31.73 13.96
N ALA A 184 -0.65 -32.71 14.63
CA ALA A 184 -0.32 -32.95 16.03
C ALA A 184 1.12 -33.47 16.17
N ARG A 185 1.57 -34.25 15.20
CA ARG A 185 2.93 -34.78 15.24
C ARG A 185 3.94 -33.63 15.07
N ILE A 186 3.58 -32.69 14.19
CA ILE A 186 4.43 -31.54 13.96
C ILE A 186 4.53 -30.76 15.27
N ASN A 187 3.37 -30.46 15.85
CA ASN A 187 3.34 -29.68 17.07
C ASN A 187 4.15 -30.30 18.19
N THR A 188 3.99 -31.60 18.45
CA THR A 188 4.71 -32.22 19.56
C THR A 188 6.23 -32.17 19.31
N TYR A 189 6.61 -32.45 18.06
CA TYR A 189 8.03 -32.41 17.68
C TYR A 189 8.60 -31.01 17.88
N ALA A 190 7.88 -29.98 17.38
CA ALA A 190 8.42 -28.65 17.40
C ALA A 190 8.48 -28.10 18.81
N LYS A 191 7.37 -28.29 19.57
CA LYS A 191 7.35 -27.76 20.93
C LYS A 191 8.44 -28.38 21.79
N ALA A 192 8.78 -29.63 21.53
CA ALA A 192 9.83 -30.28 22.30
C ALA A 192 11.20 -29.59 22.11
N ARG A 193 11.39 -29.01 20.93
CA ARG A 193 12.61 -28.30 20.57
C ARG A 193 12.55 -26.83 20.92
N ASN A 194 11.36 -26.23 20.84
CA ASN A 194 11.17 -24.85 21.25
C ASN A 194 9.75 -24.69 21.75
N PRO A 195 9.50 -24.52 23.08
CA PRO A 195 8.14 -24.54 23.57
C PRO A 195 7.36 -23.29 23.14
N ASP A 196 8.07 -22.29 22.62
CA ASP A 196 7.45 -21.08 22.07
C ASP A 196 7.06 -21.20 20.60
N PHE A 197 7.42 -22.29 19.94
CA PHE A 197 7.28 -22.37 18.49
C PHE A 197 5.82 -22.65 18.14
N LYS A 198 5.20 -21.70 17.43
CA LYS A 198 3.78 -21.76 17.13
C LYS A 198 3.49 -22.59 15.88
N VAL A 199 2.32 -23.19 15.88
CA VAL A 199 1.82 -24.02 14.81
C VAL A 199 0.50 -23.46 14.29
N VAL A 200 0.51 -23.11 13.00
CA VAL A 200 -0.60 -22.42 12.34
C VAL A 200 -0.88 -23.10 11.01
N PRO A 201 -1.87 -24.01 10.94
CA PRO A 201 -2.33 -24.55 9.65
C PRO A 201 -3.00 -23.45 8.83
N GLN A 202 -3.00 -23.63 7.51
CA GLN A 202 -3.72 -22.70 6.64
C GLN A 202 -4.90 -23.45 6.02
N ASN A 203 -6.07 -22.81 6.06
CA ASN A 203 -7.28 -23.34 5.51
C ASN A 203 -7.72 -24.62 6.21
N SER A 204 -8.68 -25.36 5.58
CA SER A 204 -9.24 -26.57 6.15
C SER A 204 -9.70 -26.40 7.59
N PRO A 205 -10.42 -25.33 7.95
CA PRO A 205 -10.82 -25.12 9.36
C PRO A 205 -11.76 -26.17 9.92
N GLU A 206 -12.41 -26.93 9.00
CA GLU A 206 -13.39 -27.92 9.41
C GLU A 206 -12.71 -29.06 10.16
N LEU A 207 -11.38 -29.13 10.11
CA LEU A 207 -10.62 -30.13 10.86
C LEU A 207 -10.70 -29.88 12.36
N VAL A 208 -11.16 -28.70 12.72
CA VAL A 208 -11.45 -28.34 14.09
C VAL A 208 -12.41 -29.34 14.75
N ASP A 209 -13.22 -30.08 13.99
CA ASP A 209 -14.17 -31.01 14.57
C ASP A 209 -13.41 -32.17 15.23
N ASP A 210 -12.18 -32.46 14.78
CA ASP A 210 -11.39 -33.55 15.37
C ASP A 210 -10.86 -33.06 16.73
N PRO A 211 -11.10 -33.78 17.85
CA PRO A 211 -10.59 -33.31 19.16
C PRO A 211 -9.08 -33.16 19.23
N ALA A 212 -8.31 -33.87 18.37
CA ALA A 212 -6.86 -33.72 18.38
C ALA A 212 -6.40 -32.42 17.70
N TYR A 213 -7.31 -31.68 17.06
CA TYR A 213 -6.87 -30.51 16.27
C TYR A 213 -6.53 -29.33 17.19
N LEU A 214 -7.50 -28.85 17.99
CA LEU A 214 -7.25 -27.62 18.73
C LEU A 214 -6.07 -27.75 19.70
N PRO A 215 -5.85 -28.91 20.38
CA PRO A 215 -4.64 -29.07 21.19
C PRO A 215 -3.32 -29.08 20.46
N ALA A 216 -3.35 -29.15 19.13
CA ALA A 216 -2.12 -29.21 18.34
C ALA A 216 -1.78 -27.86 17.69
N ILE A 217 -2.68 -26.87 17.75
CA ILE A 217 -2.44 -25.62 17.01
C ILE A 217 -2.43 -24.42 17.96
N ASP A 218 -1.79 -23.36 17.48
CA ASP A 218 -1.78 -22.08 18.18
C ASP A 218 -2.50 -21.00 17.38
N GLY A 219 -2.85 -21.28 16.12
CA GLY A 219 -3.50 -20.27 15.31
C GLY A 219 -3.95 -20.93 14.01
N LEU A 220 -4.65 -20.17 13.17
CA LEU A 220 -5.17 -20.71 11.91
C LEU A 220 -5.07 -19.58 10.91
N GLY A 221 -4.59 -19.88 9.71
CA GLY A 221 -4.62 -18.93 8.61
C GLY A 221 -5.80 -19.31 7.71
N MET A 222 -6.57 -18.30 7.30
CA MET A 222 -7.73 -18.55 6.48
C MET A 222 -7.71 -17.59 5.33
N GLU A 223 -7.75 -18.15 4.10
CA GLU A 223 -7.79 -17.35 2.90
C GLU A 223 -9.23 -17.29 2.43
N ASP A 224 -9.60 -16.16 1.83
CA ASP A 224 -10.75 -16.08 0.95
C ASP A 224 -12.08 -16.24 1.67
N MET A 225 -12.14 -15.81 2.93
CA MET A 225 -13.40 -15.86 3.66
C MET A 225 -14.37 -14.76 3.25
N TYR A 226 -13.86 -13.64 2.73
CA TYR A 226 -14.65 -12.44 2.47
C TYR A 226 -14.61 -12.03 0.99
N TRP A 227 -13.40 -11.82 0.45
CA TRP A 227 -13.18 -11.33 -0.91
C TRP A 227 -12.08 -12.11 -1.60
N SER A 228 -12.41 -12.68 -2.79
CA SER A 228 -11.50 -13.50 -3.57
C SER A 228 -11.32 -12.83 -4.94
N ASP A 229 -10.20 -12.13 -5.10
CA ASP A 229 -9.90 -11.36 -6.29
C ASP A 229 -11.07 -10.42 -6.60
N ASP A 230 -11.52 -9.71 -5.57
CA ASP A 230 -12.59 -8.71 -5.66
C ASP A 230 -13.96 -9.32 -6.00
N VAL A 231 -14.13 -10.63 -5.73
CA VAL A 231 -15.44 -11.29 -5.82
C VAL A 231 -15.81 -11.81 -4.44
N ALA A 232 -17.05 -11.57 -4.03
CA ALA A 232 -17.48 -11.92 -2.69
C ALA A 232 -17.49 -13.43 -2.50
N CYS A 233 -16.98 -13.85 -1.33
CA CYS A 233 -17.12 -15.24 -0.90
C CYS A 233 -18.49 -15.33 -0.26
N ASP A 234 -19.51 -15.57 -1.11
CA ASP A 234 -20.89 -15.48 -0.66
C ASP A 234 -21.59 -16.82 -0.83
N GLU A 235 -20.85 -17.91 -0.93
CA GLU A 235 -21.43 -19.24 -1.08
C GLU A 235 -21.53 -19.91 0.28
N GLY A 236 -22.26 -21.03 0.32
CA GLY A 236 -22.41 -21.80 1.54
C GLY A 236 -21.05 -22.23 2.08
N TRP A 237 -20.15 -22.63 1.19
CA TRP A 237 -18.84 -23.09 1.63
C TRP A 237 -18.09 -21.96 2.33
N CYS A 238 -18.35 -20.71 1.93
CA CYS A 238 -17.73 -19.54 2.52
C CYS A 238 -18.20 -19.38 3.95
N GLU A 239 -19.51 -19.49 4.16
CA GLU A 239 -20.07 -19.33 5.48
C GLU A 239 -19.56 -20.41 6.42
N GLU A 240 -19.48 -21.66 5.95
CA GLU A 240 -18.96 -22.76 6.75
C GLU A 240 -17.51 -22.49 7.16
N ASN A 241 -16.71 -21.92 6.23
CA ASN A 241 -15.33 -21.56 6.55
C ASN A 241 -15.30 -20.51 7.66
N ARG A 242 -16.19 -19.52 7.60
CA ARG A 242 -16.20 -18.45 8.58
C ARG A 242 -16.66 -18.97 9.93
N THR A 243 -17.63 -19.88 9.98
CA THR A 243 -18.11 -20.37 11.28
C THR A 243 -17.11 -21.35 11.86
N ASN A 244 -16.37 -22.06 11.03
CA ASN A 244 -15.32 -22.94 11.55
C ASN A 244 -14.15 -22.12 12.09
N ALA A 245 -13.83 -21.00 11.41
CA ALA A 245 -12.87 -20.06 11.93
C ALA A 245 -13.31 -19.49 13.28
N ALA A 246 -14.61 -19.18 13.41
CA ALA A 246 -15.17 -18.72 14.66
C ALA A 246 -14.99 -19.76 15.77
N ARG A 247 -15.12 -21.03 15.43
CA ARG A 247 -14.86 -22.11 16.38
C ARG A 247 -13.41 -22.08 16.88
N VAL A 248 -12.46 -21.86 15.94
CA VAL A 248 -11.07 -21.86 16.31
C VAL A 248 -10.77 -20.65 17.18
N ARG A 249 -11.33 -19.48 16.83
CA ARG A 249 -11.16 -18.27 17.60
C ARG A 249 -11.74 -18.41 19.00
N ALA A 250 -12.87 -19.10 19.15
CA ALA A 250 -13.51 -19.30 20.44
C ALA A 250 -12.63 -20.14 21.36
N ALA A 251 -11.69 -20.89 20.79
CA ALA A 251 -10.79 -21.72 21.58
C ALA A 251 -9.48 -20.99 21.87
N GLY A 252 -9.43 -19.70 21.58
CA GLY A 252 -8.35 -18.82 22.00
C GLY A 252 -7.17 -18.82 21.04
N LYS A 253 -7.35 -19.35 19.82
CA LYS A 253 -6.30 -19.37 18.82
C LYS A 253 -6.31 -18.09 18.00
N LEU A 254 -5.12 -17.70 17.55
CA LEU A 254 -4.98 -16.56 16.67
C LEU A 254 -5.53 -16.95 15.30
N VAL A 255 -6.42 -16.12 14.74
CA VAL A 255 -6.90 -16.39 13.39
C VAL A 255 -6.43 -15.24 12.51
N LEU A 256 -5.61 -15.59 11.50
CA LEU A 256 -5.06 -14.65 10.55
C LEU A 256 -5.83 -14.83 9.24
N SER A 257 -6.61 -13.80 8.85
CA SER A 257 -7.40 -13.94 7.64
C SER A 257 -6.68 -13.19 6.54
N THR A 258 -6.58 -13.82 5.37
CA THR A 258 -6.02 -13.19 4.22
C THR A 258 -7.12 -13.15 3.14
N ASP A 259 -7.41 -11.93 2.62
CA ASP A 259 -8.35 -11.78 1.53
C ASP A 259 -7.63 -11.05 0.40
N TYR A 260 -8.21 -11.13 -0.80
CA TYR A 260 -7.49 -10.70 -2.00
C TYR A 260 -8.40 -9.74 -2.77
N ALA A 261 -8.07 -8.46 -2.69
CA ALA A 261 -8.95 -7.42 -3.23
C ALA A 261 -8.16 -6.12 -3.30
N THR A 262 -8.52 -5.29 -4.29
CA THR A 262 -7.93 -3.95 -4.40
C THR A 262 -8.99 -2.87 -4.43
N GLN A 263 -10.26 -3.20 -4.68
CA GLN A 263 -11.31 -2.18 -4.64
C GLN A 263 -11.49 -1.74 -3.19
N SER A 264 -11.51 -0.41 -2.97
CA SER A 264 -11.43 0.12 -1.62
C SER A 264 -12.62 -0.34 -0.76
N ALA A 265 -13.84 -0.47 -1.32
CA ALA A 265 -14.97 -0.91 -0.51
C ALA A 265 -14.81 -2.38 -0.08
N HIS A 266 -14.18 -3.18 -0.94
CA HIS A 266 -13.96 -4.60 -0.66
C HIS A 266 -12.86 -4.74 0.39
N VAL A 267 -11.77 -3.99 0.25
CA VAL A 267 -10.71 -3.99 1.24
C VAL A 267 -11.29 -3.67 2.62
N ALA A 268 -12.08 -2.59 2.67
CA ALA A 268 -12.66 -2.14 3.93
C ALA A 268 -13.59 -3.20 4.50
N ASP A 269 -14.35 -3.88 3.63
CA ASP A 269 -15.31 -4.86 4.08
C ASP A 269 -14.58 -6.07 4.69
N ALA A 270 -13.49 -6.52 4.06
CA ALA A 270 -12.73 -7.65 4.62
C ALA A 270 -12.15 -7.27 5.99
N TYR A 271 -11.49 -6.11 6.07
CA TYR A 271 -10.87 -5.70 7.33
C TYR A 271 -11.93 -5.57 8.42
N THR A 272 -13.07 -4.95 8.07
CA THR A 272 -14.11 -4.67 9.05
C THR A 272 -14.71 -5.95 9.60
N ARG A 273 -15.10 -6.86 8.70
CA ARG A 273 -15.81 -8.05 9.11
C ARG A 273 -14.85 -8.99 9.83
N SER A 274 -13.59 -9.06 9.33
CA SER A 274 -12.59 -9.91 9.99
C SER A 274 -12.39 -9.51 11.46
N ARG A 275 -12.16 -8.21 11.68
CA ARG A 275 -11.96 -7.68 13.03
C ARG A 275 -13.22 -7.87 13.88
N ALA A 276 -14.41 -7.68 13.31
CA ALA A 276 -15.66 -7.90 14.04
C ALA A 276 -15.82 -9.35 14.52
N ALA A 277 -15.28 -10.30 13.76
CA ALA A 277 -15.34 -11.72 14.11
C ALA A 277 -14.26 -12.12 15.13
N GLY A 278 -13.33 -11.21 15.45
CA GLY A 278 -12.26 -11.50 16.38
C GLY A 278 -10.99 -11.98 15.68
N PHE A 279 -10.95 -11.84 14.35
CA PHE A 279 -9.80 -12.32 13.59
C PHE A 279 -8.86 -11.15 13.32
N VAL A 280 -7.68 -11.48 12.79
CA VAL A 280 -6.69 -10.49 12.42
C VAL A 280 -6.56 -10.53 10.91
N PRO A 281 -7.00 -9.47 10.22
CA PRO A 281 -6.99 -9.43 8.75
C PRO A 281 -5.76 -8.86 8.08
N TYR A 282 -5.61 -9.33 6.85
CA TYR A 282 -4.74 -8.74 5.85
C TYR A 282 -5.41 -8.91 4.50
N VAL A 283 -5.26 -7.87 3.66
CA VAL A 283 -5.74 -7.98 2.30
C VAL A 283 -4.57 -7.69 1.37
N THR A 284 -4.42 -8.52 0.35
CA THR A 284 -3.24 -8.40 -0.48
C THR A 284 -3.60 -8.99 -1.85
N VAL A 285 -2.55 -9.29 -2.60
CA VAL A 285 -2.62 -9.81 -3.95
C VAL A 285 -2.34 -11.32 -3.94
N ARG A 286 -3.02 -12.04 -4.82
CA ARG A 286 -2.98 -13.49 -4.85
C ARG A 286 -1.56 -14.02 -5.07
N ALA A 287 -0.73 -13.26 -5.76
CA ALA A 287 0.62 -13.68 -6.04
C ALA A 287 1.49 -13.72 -4.77
N LEU A 288 1.07 -13.03 -3.71
CA LEU A 288 1.81 -12.98 -2.47
C LEU A 288 3.26 -12.64 -2.75
N ASP A 289 3.48 -11.59 -3.54
CA ASP A 289 4.79 -11.32 -4.13
C ASP A 289 5.28 -9.93 -3.75
N ARG A 290 4.73 -9.36 -2.68
CA ARG A 290 5.01 -8.00 -2.28
C ARG A 290 4.33 -7.76 -0.93
N VAL A 291 4.79 -6.71 -0.24
CA VAL A 291 4.17 -6.26 1.00
C VAL A 291 3.08 -5.24 0.70
N THR A 292 1.84 -5.70 0.53
CA THR A 292 0.73 -4.78 0.37
C THR A 292 0.57 -3.97 1.65
N VAL A 293 0.28 -2.68 1.49
CA VAL A 293 -0.05 -1.81 2.59
C VAL A 293 -1.33 -1.11 2.17
N ASN A 294 -2.40 -1.36 2.91
CA ASN A 294 -3.70 -0.76 2.66
C ASN A 294 -3.85 0.45 3.60
N ALA A 295 -3.68 1.64 3.05
CA ALA A 295 -3.67 2.84 3.88
C ALA A 295 -4.99 2.97 4.65
N GLY A 296 -4.86 3.20 5.96
CA GLY A 296 -6.04 3.32 6.80
C GLY A 296 -6.43 2.01 7.47
N TRP A 297 -5.89 0.89 6.99
CA TRP A 297 -6.23 -0.42 7.49
C TRP A 297 -5.02 -1.08 8.11
N ASP A 298 -3.85 -0.90 7.48
CA ASP A 298 -2.63 -1.51 7.96
C ASP A 298 -1.82 -0.45 8.71
N PRO A 299 -0.90 -0.87 9.61
CA PRO A 299 -0.12 0.08 10.41
C PRO A 299 0.82 0.84 9.49
N GLN A 300 1.03 2.13 9.76
CA GLN A 300 2.01 2.91 9.02
C GLN A 300 2.75 3.90 9.96
N GLN B 29 18.82 15.79 3.06
CA GLN B 29 17.62 15.73 2.18
C GLN B 29 18.01 15.13 0.83
N VAL B 30 17.11 14.33 0.26
CA VAL B 30 17.20 13.98 -1.14
C VAL B 30 17.17 15.27 -1.95
N PRO B 31 18.16 15.52 -2.82
CA PRO B 31 18.15 16.67 -3.70
C PRO B 31 16.92 16.68 -4.61
N TRP B 32 16.47 17.90 -4.92
CA TRP B 32 15.38 18.13 -5.86
C TRP B 32 15.58 17.32 -7.14
N SER B 33 16.81 17.33 -7.65
CA SER B 33 17.13 16.68 -8.93
C SER B 33 17.10 15.16 -8.83
N ASN B 34 17.05 14.60 -7.61
CA ASN B 34 17.04 13.15 -7.48
C ASN B 34 15.73 12.62 -6.88
N VAL B 35 14.68 13.45 -6.87
CA VAL B 35 13.40 13.03 -6.34
C VAL B 35 12.81 11.97 -7.28
N LYS B 36 12.48 10.79 -6.72
CA LYS B 36 12.02 9.68 -7.55
C LYS B 36 10.69 9.11 -7.06
N SER B 37 10.15 9.65 -5.97
CA SER B 37 8.88 9.21 -5.42
C SER B 37 8.31 10.34 -4.58
N PHE B 38 6.98 10.39 -4.44
CA PHE B 38 6.35 11.38 -3.59
C PHE B 38 5.02 10.85 -3.07
N THR B 39 4.63 11.35 -1.90
CA THR B 39 3.26 11.17 -1.42
C THR B 39 2.62 12.55 -1.26
N TYR B 40 1.30 12.54 -1.04
CA TYR B 40 0.46 13.69 -1.27
C TYR B 40 -0.79 13.50 -0.44
N GLN B 41 -0.86 14.23 0.69
CA GLN B 41 -1.97 14.06 1.61
C GLN B 41 -2.31 15.43 2.18
N LEU B 42 -3.60 15.79 2.07
CA LEU B 42 -4.07 17.12 2.36
C LEU B 42 -5.00 17.12 3.58
N THR B 43 -5.45 15.96 4.07
CA THR B 43 -6.40 15.94 5.17
C THR B 43 -6.31 14.61 5.90
N ASN B 44 -7.02 14.48 7.04
CA ASN B 44 -7.08 13.25 7.81
C ASN B 44 -5.70 12.84 8.31
N TYR B 45 -4.92 13.81 8.78
CA TYR B 45 -3.61 13.51 9.36
C TYR B 45 -3.83 12.77 10.67
N PRO B 46 -3.25 11.57 10.88
CA PRO B 46 -3.51 10.80 12.11
C PRO B 46 -3.01 11.57 13.33
N GLN B 47 -3.95 11.81 14.26
CA GLN B 47 -3.71 12.55 15.50
C GLN B 47 -3.20 13.95 15.16
N GLY B 48 -3.52 14.39 13.95
CA GLY B 48 -3.16 15.71 13.47
C GLY B 48 -1.67 15.82 13.15
N LYS B 49 -0.99 14.68 12.98
CA LYS B 49 0.46 14.68 12.86
C LYS B 49 0.91 14.11 11.52
N LEU B 50 2.18 14.35 11.21
CA LEU B 50 2.81 13.93 9.96
C LEU B 50 3.64 12.66 10.13
N ASP B 51 3.46 11.94 11.26
CA ASP B 51 4.35 10.84 11.64
C ASP B 51 4.31 9.72 10.61
N ALA B 52 3.15 9.39 10.07
CA ALA B 52 3.05 8.32 9.08
C ALA B 52 3.78 8.73 7.80
N ILE B 53 3.68 10.01 7.42
CA ILE B 53 4.39 10.51 6.26
C ILE B 53 5.90 10.45 6.53
N ALA B 54 6.30 10.89 7.73
CA ALA B 54 7.71 10.93 8.10
C ALA B 54 8.33 9.54 8.03
N ALA B 55 7.56 8.52 8.44
CA ALA B 55 8.08 7.17 8.50
C ALA B 55 8.01 6.48 7.15
N SER B 56 7.29 7.04 6.16
CA SER B 56 7.21 6.45 4.83
C SER B 56 8.55 6.58 4.12
N LYS B 57 8.71 5.90 2.98
CA LYS B 57 9.98 5.94 2.26
C LYS B 57 9.92 6.84 1.01
N PHE B 58 8.96 7.76 0.92
CA PHE B 58 8.87 8.68 -0.20
C PHE B 58 9.92 9.78 -0.08
N ASP B 59 10.39 10.28 -1.24
CA ASP B 59 11.41 11.31 -1.29
C ASP B 59 10.82 12.69 -1.05
N LEU B 60 9.52 12.83 -1.27
CA LEU B 60 8.90 14.15 -1.26
C LEU B 60 7.47 13.97 -0.78
N ALA B 61 7.02 14.91 0.07
CA ALA B 61 5.64 14.94 0.51
C ALA B 61 5.02 16.30 0.19
N ILE B 62 3.79 16.24 -0.28
CA ILE B 62 2.94 17.40 -0.43
C ILE B 62 1.88 17.36 0.67
N VAL B 63 1.88 18.38 1.53
CA VAL B 63 0.92 18.50 2.62
C VAL B 63 0.37 19.93 2.69
N GLU B 64 -0.73 20.12 3.41
CA GLU B 64 -1.24 21.46 3.67
C GLU B 64 -0.33 22.18 4.65
N LEU B 65 -0.52 23.50 4.76
CA LEU B 65 0.14 24.30 5.78
C LEU B 65 -0.42 23.95 7.15
N VAL B 66 -1.64 23.41 7.20
CA VAL B 66 -2.41 23.25 8.43
C VAL B 66 -2.88 21.81 8.56
N ARG B 67 -3.02 21.36 9.80
CA ARG B 67 -3.39 19.97 10.06
C ARG B 67 -4.91 19.80 10.00
N ASP B 68 -5.66 20.91 9.92
CA ASP B 68 -7.08 20.89 10.19
C ASP B 68 -7.88 21.70 9.18
N GLY B 69 -7.25 22.12 8.09
CA GLY B 69 -7.93 22.87 7.04
C GLY B 69 -8.31 24.28 7.49
N SER B 70 -7.78 24.70 8.65
CA SER B 70 -8.13 25.99 9.22
C SER B 70 -6.86 26.73 9.65
N SER B 71 -6.58 26.78 10.95
CA SER B 71 -5.46 27.59 11.40
C SER B 71 -4.47 26.79 12.24
N GLY B 72 -4.58 25.45 12.21
CA GLY B 72 -3.66 24.59 12.94
C GLY B 72 -2.38 24.34 12.16
N TYR B 73 -1.53 25.38 12.06
CA TYR B 73 -0.35 25.34 11.23
C TYR B 73 0.62 24.28 11.72
N PHE B 74 1.17 23.49 10.79
CA PHE B 74 2.35 22.70 11.11
C PHE B 74 3.50 23.64 11.46
N THR B 75 4.25 23.28 12.51
CA THR B 75 5.31 24.12 13.01
C THR B 75 6.58 23.80 12.25
N ALA B 76 7.58 24.69 12.33
CA ALA B 76 8.90 24.43 11.76
C ALA B 76 9.45 23.12 12.30
N ALA B 77 9.23 22.86 13.59
CA ALA B 77 9.73 21.63 14.21
C ALA B 77 9.09 20.41 13.55
N GLU B 78 7.79 20.47 13.26
CA GLU B 78 7.12 19.34 12.60
C GLU B 78 7.64 19.14 11.18
N ILE B 79 7.84 20.24 10.45
CA ILE B 79 8.34 20.13 9.10
C ILE B 79 9.80 19.67 9.09
N SER B 80 10.59 20.14 10.06
CA SER B 80 11.98 19.72 10.18
C SER B 80 12.07 18.21 10.36
N ALA B 81 11.11 17.64 11.10
CA ALA B 81 11.09 16.22 11.38
C ALA B 81 10.94 15.43 10.07
N LEU B 82 10.18 15.94 9.09
CA LEU B 82 10.11 15.27 7.79
C LEU B 82 11.43 15.43 7.03
N LYS B 83 11.99 16.63 7.05
CA LYS B 83 13.19 16.90 6.29
C LYS B 83 14.35 16.05 6.84
N ALA B 84 14.34 15.78 8.15
CA ALA B 84 15.43 15.05 8.78
C ALA B 84 15.44 13.60 8.32
N ARG B 85 14.27 13.12 7.90
CA ARG B 85 14.11 11.79 7.35
C ARG B 85 14.43 11.81 5.84
N GLY B 86 14.86 12.97 5.33
CA GLY B 86 15.38 13.06 3.98
C GLY B 86 14.39 13.64 2.97
N LYS B 87 13.14 13.89 3.39
CA LYS B 87 12.08 14.27 2.46
C LYS B 87 12.14 15.75 2.14
N GLN B 88 11.92 16.06 0.87
CA GLN B 88 11.50 17.39 0.45
C GLN B 88 10.04 17.56 0.83
N VAL B 89 9.63 18.78 1.22
CA VAL B 89 8.25 18.96 1.66
C VAL B 89 7.69 20.19 0.96
N LEU B 90 6.56 20.03 0.25
CA LEU B 90 5.90 21.14 -0.45
C LEU B 90 4.61 21.47 0.28
N ALA B 91 4.31 22.76 0.38
CA ALA B 91 3.07 23.24 0.95
C ALA B 91 2.04 23.43 -0.17
N TYR B 92 0.98 22.65 -0.08
CA TYR B 92 -0.19 22.79 -0.91
C TYR B 92 -0.99 24.01 -0.46
N PHE B 93 -1.33 24.85 -1.44
CA PHE B 93 -2.41 25.81 -1.29
C PHE B 93 -2.94 26.20 -2.67
N GLU B 94 -4.20 26.65 -2.68
CA GLU B 94 -4.87 27.13 -3.88
C GLU B 94 -4.50 28.59 -4.14
N ILE B 95 -4.37 28.93 -5.41
CA ILE B 95 -4.15 30.32 -5.80
C ILE B 95 -5.27 30.82 -6.70
N GLY B 96 -6.20 29.93 -7.07
CA GLY B 96 -7.23 30.28 -8.04
C GLY B 96 -8.64 30.14 -7.49
N ALA B 97 -8.76 29.80 -6.22
CA ALA B 97 -10.06 29.57 -5.61
C ALA B 97 -9.92 29.76 -4.11
N ILE B 98 -11.06 29.92 -3.45
CA ILE B 98 -11.10 29.95 -2.00
C ILE B 98 -12.19 28.98 -1.55
N GLU B 99 -11.87 28.30 -0.45
CA GLU B 99 -12.74 27.32 0.18
C GLU B 99 -13.38 27.96 1.41
N GLU B 100 -14.64 27.57 1.62
CA GLU B 100 -15.48 28.11 2.68
C GLU B 100 -14.88 27.84 4.05
N TYR B 101 -14.12 26.77 4.19
CA TYR B 101 -13.62 26.38 5.50
C TYR B 101 -12.34 27.14 5.82
N ARG B 102 -11.82 27.93 4.87
CA ARG B 102 -10.50 28.52 5.04
C ARG B 102 -10.59 29.79 5.89
N PRO B 103 -9.54 30.13 6.66
CA PRO B 103 -9.57 31.35 7.48
C PRO B 103 -9.70 32.64 6.67
N GLU B 104 -9.25 32.62 5.42
CA GLU B 104 -9.26 33.83 4.61
C GLU B 104 -10.63 34.06 3.99
N TRP B 105 -11.56 33.11 4.11
CA TRP B 105 -12.85 33.21 3.43
C TRP B 105 -13.50 34.56 3.70
N SER B 106 -13.48 34.99 4.98
CA SER B 106 -14.14 36.20 5.43
C SER B 106 -13.50 37.46 4.86
N GLN B 107 -12.24 37.34 4.40
CA GLN B 107 -11.53 38.47 3.82
C GLN B 107 -11.81 38.57 2.32
N VAL B 108 -12.55 37.60 1.77
CA VAL B 108 -12.77 37.58 0.33
C VAL B 108 -14.17 38.11 0.03
N PRO B 109 -14.29 39.35 -0.50
CA PRO B 109 -15.61 39.90 -0.81
C PRO B 109 -16.26 39.24 -2.01
N ALA B 110 -17.58 39.45 -2.11
CA ALA B 110 -18.38 38.87 -3.17
C ALA B 110 -17.79 39.25 -4.52
N ASP B 111 -17.20 40.45 -4.61
CA ASP B 111 -16.67 40.96 -5.87
C ASP B 111 -15.47 40.15 -6.34
N LEU B 112 -14.84 39.39 -5.44
CA LEU B 112 -13.68 38.57 -5.80
C LEU B 112 -14.14 37.19 -6.28
N LYS B 113 -15.36 36.78 -5.94
CA LYS B 113 -15.83 35.44 -6.25
C LYS B 113 -16.41 35.39 -7.67
N LEU B 114 -16.24 34.23 -8.32
CA LEU B 114 -16.64 34.10 -9.71
C LEU B 114 -17.62 32.94 -9.87
N GLY B 115 -17.93 32.22 -8.78
CA GLY B 115 -18.86 31.11 -8.89
C GLY B 115 -18.30 29.81 -8.32
N PRO B 116 -19.19 28.83 -8.05
CA PRO B 116 -18.77 27.52 -7.50
C PRO B 116 -17.84 26.75 -8.42
N VAL B 117 -16.84 26.10 -7.83
CA VAL B 117 -15.85 25.38 -8.61
C VAL B 117 -16.47 24.10 -9.18
N SER B 118 -16.49 23.99 -10.50
CA SER B 118 -16.99 22.79 -11.14
C SER B 118 -16.40 21.55 -10.47
N GLY B 119 -17.26 20.68 -9.96
CA GLY B 119 -16.81 19.44 -9.33
C GLY B 119 -16.65 19.59 -7.82
N TRP B 120 -16.28 20.79 -7.35
CA TRP B 120 -16.07 21.04 -5.94
C TRP B 120 -16.92 22.23 -5.46
N PRO B 121 -18.25 22.06 -5.26
CA PRO B 121 -19.13 23.18 -4.93
C PRO B 121 -18.90 23.86 -3.57
N ASP B 122 -17.95 23.33 -2.79
CA ASP B 122 -17.59 23.92 -1.51
C ASP B 122 -16.59 25.06 -1.70
N GLU B 123 -16.25 25.37 -2.96
CA GLU B 123 -15.25 26.38 -3.26
C GLU B 123 -15.80 27.41 -4.27
N GLN B 124 -15.21 28.61 -4.23
CA GLN B 124 -15.44 29.63 -5.24
C GLN B 124 -14.15 29.92 -6.00
N TYR B 125 -14.27 29.99 -7.33
CA TYR B 125 -13.26 30.62 -8.15
C TYR B 125 -13.11 32.07 -7.69
N VAL B 126 -11.90 32.63 -7.83
CA VAL B 126 -11.67 34.01 -7.48
C VAL B 126 -11.00 34.73 -8.65
N LYS B 127 -11.12 36.06 -8.64
CA LYS B 127 -10.40 36.93 -9.54
C LYS B 127 -8.95 36.97 -9.07
N TYR B 128 -8.17 35.98 -9.49
CA TYR B 128 -6.85 35.72 -8.92
C TYR B 128 -5.85 36.81 -9.33
N TRP B 129 -6.22 37.64 -10.31
CA TRP B 129 -5.36 38.70 -10.81
C TRP B 129 -5.62 39.99 -10.06
N ASP B 130 -6.66 39.99 -9.23
CA ASP B 130 -7.06 41.17 -8.49
C ASP B 130 -6.08 41.37 -7.33
N GLU B 131 -5.71 42.63 -7.11
N GLU B 131 -5.65 42.61 -7.13
CA GLU B 131 -4.69 42.96 -6.12
CA GLU B 131 -4.67 42.83 -6.09
C GLU B 131 -5.19 42.56 -4.73
C GLU B 131 -5.21 42.36 -4.75
N ARG B 132 -6.51 42.51 -4.52
CA ARG B 132 -7.07 42.15 -3.23
C ARG B 132 -6.86 40.67 -2.91
N TRP B 133 -6.60 39.84 -3.92
CA TRP B 133 -6.35 38.42 -3.69
C TRP B 133 -4.90 38.17 -3.27
N TRP B 134 -3.98 39.06 -3.69
CA TRP B 134 -2.56 38.84 -3.45
C TRP B 134 -2.24 38.66 -1.97
N PRO B 135 -2.77 39.45 -1.01
CA PRO B 135 -2.49 39.24 0.41
C PRO B 135 -2.77 37.82 0.92
N ILE B 136 -3.81 37.19 0.36
CA ILE B 136 -4.14 35.82 0.76
C ILE B 136 -3.02 34.88 0.30
N VAL B 137 -2.62 35.04 -0.97
CA VAL B 137 -1.54 34.23 -1.51
C VAL B 137 -0.26 34.52 -0.74
N GLN B 138 0.04 35.79 -0.54
CA GLN B 138 1.26 36.20 0.15
C GLN B 138 1.34 35.61 1.55
N GLY B 139 0.19 35.61 2.25
CA GLY B 139 0.09 35.06 3.60
C GLY B 139 0.48 33.58 3.65
N ARG B 140 0.09 32.85 2.60
CA ARG B 140 0.35 31.42 2.51
C ARG B 140 1.82 31.17 2.22
N ILE B 141 2.42 32.02 1.37
CA ILE B 141 3.85 31.92 1.10
C ILE B 141 4.61 32.13 2.40
N ASP B 142 4.21 33.16 3.15
CA ASP B 142 4.90 33.52 4.38
C ASP B 142 4.84 32.37 5.38
N ARG B 143 3.64 31.76 5.50
CA ARG B 143 3.46 30.59 6.34
C ARG B 143 4.38 29.45 5.90
N ALA B 144 4.46 29.21 4.58
CA ALA B 144 5.28 28.14 4.06
C ALA B 144 6.74 28.38 4.46
N LEU B 145 7.18 29.63 4.35
CA LEU B 145 8.56 29.96 4.65
C LEU B 145 8.80 29.86 6.16
N ALA B 146 7.82 30.32 6.94
CA ALA B 146 7.97 30.32 8.39
C ALA B 146 8.08 28.90 8.96
N ALA B 147 7.50 27.91 8.26
CA ALA B 147 7.55 26.53 8.74
C ALA B 147 8.71 25.78 8.07
N GLY B 148 9.42 26.45 7.15
CA GLY B 148 10.61 25.88 6.55
C GLY B 148 10.30 24.83 5.48
N PHE B 149 9.13 24.94 4.83
CA PHE B 149 8.83 24.11 3.67
C PHE B 149 9.89 24.34 2.60
N ASN B 150 10.08 23.33 1.74
CA ASN B 150 11.02 23.42 0.65
C ASN B 150 10.45 24.20 -0.53
N GLY B 151 9.12 24.37 -0.52
CA GLY B 151 8.46 24.97 -1.65
C GLY B 151 6.94 24.93 -1.50
N CYS B 152 6.27 25.33 -2.58
CA CYS B 152 4.83 25.38 -2.65
C CYS B 152 4.32 24.51 -3.80
N TYR B 153 3.08 24.08 -3.63
CA TYR B 153 2.38 23.27 -4.62
C TYR B 153 1.03 23.94 -4.85
N LEU B 154 0.88 24.56 -6.02
CA LEU B 154 -0.13 25.57 -6.22
C LEU B 154 -1.31 24.98 -6.98
N ASP B 155 -2.49 25.05 -6.36
CA ASP B 155 -3.68 24.46 -6.95
C ASP B 155 -4.61 25.53 -7.55
N MET B 156 -5.52 25.05 -8.39
CA MET B 156 -6.54 25.85 -9.06
C MET B 156 -5.91 26.87 -10.01
N VAL B 157 -4.78 26.49 -10.60
CA VAL B 157 -4.26 27.15 -11.78
C VAL B 157 -5.32 27.10 -12.90
N VAL B 158 -6.07 25.99 -12.96
CA VAL B 158 -7.08 25.75 -13.98
C VAL B 158 -8.18 26.81 -13.97
N THR B 159 -8.26 27.59 -12.89
CA THR B 159 -9.25 28.65 -12.79
C THR B 159 -9.19 29.52 -14.05
N TYR B 160 -8.00 29.70 -14.62
CA TYR B 160 -7.84 30.60 -15.74
C TYR B 160 -8.74 30.19 -16.91
N GLU B 161 -9.05 28.90 -17.04
CA GLU B 161 -9.80 28.42 -18.19
C GLU B 161 -11.22 28.00 -17.82
N GLU B 162 -11.53 27.95 -16.51
CA GLU B 162 -12.79 27.41 -16.04
C GLU B 162 -13.80 28.51 -15.74
N ILE B 163 -13.33 29.76 -15.74
CA ILE B 163 -14.21 30.90 -15.56
C ILE B 163 -14.59 31.43 -16.94
N PRO B 164 -15.64 32.26 -17.05
CA PRO B 164 -15.99 32.88 -18.33
C PRO B 164 -14.80 33.66 -18.88
N ALA B 165 -14.64 33.58 -20.21
CA ALA B 165 -13.48 34.13 -20.89
C ALA B 165 -13.41 35.64 -20.71
N ASN B 166 -14.54 36.27 -20.38
CA ASN B 166 -14.60 37.73 -20.27
C ASN B 166 -14.52 38.20 -18.82
N SER B 167 -14.04 37.32 -17.91
CA SER B 167 -14.15 37.59 -16.48
C SER B 167 -13.34 38.81 -16.07
N ALA B 168 -12.26 39.11 -16.79
CA ALA B 168 -11.42 40.27 -16.49
C ALA B 168 -11.69 41.39 -17.50
N GLY B 169 -12.81 41.28 -18.23
CA GLY B 169 -13.13 42.20 -19.31
C GLY B 169 -12.16 42.05 -20.49
N THR B 170 -11.50 40.90 -20.61
CA THR B 170 -10.55 40.66 -21.69
C THR B 170 -10.93 39.36 -22.41
N ASN B 171 -10.01 38.39 -22.46
CA ASN B 171 -10.27 37.13 -23.11
C ASN B 171 -9.47 36.01 -22.46
N ARG B 172 -9.59 34.80 -23.02
CA ARG B 172 -8.99 33.62 -22.42
C ARG B 172 -7.48 33.76 -22.38
N ALA B 173 -6.89 34.30 -23.46
CA ALA B 173 -5.44 34.38 -23.58
C ALA B 173 -4.91 35.31 -22.50
N ASP B 174 -5.67 36.37 -22.19
CA ASP B 174 -5.26 37.33 -21.19
C ASP B 174 -5.37 36.72 -19.80
N LEU B 175 -6.43 35.91 -19.58
CA LEU B 175 -6.59 35.21 -18.32
C LEU B 175 -5.40 34.25 -18.13
N ALA B 176 -4.97 33.60 -19.21
CA ALA B 176 -3.80 32.74 -19.16
C ALA B 176 -2.56 33.52 -18.75
N ARG B 177 -2.34 34.69 -19.37
CA ARG B 177 -1.17 35.50 -19.06
C ARG B 177 -1.23 35.92 -17.60
N LYS B 178 -2.42 36.24 -17.10
CA LYS B 178 -2.57 36.69 -15.74
C LYS B 178 -2.24 35.57 -14.74
N MET B 179 -2.59 34.33 -15.08
CA MET B 179 -2.32 33.21 -14.19
C MET B 179 -0.82 32.95 -14.14
N VAL B 180 -0.17 33.02 -15.30
CA VAL B 180 1.27 32.83 -15.36
C VAL B 180 1.96 33.96 -14.59
N ALA B 181 1.44 35.19 -14.71
CA ALA B 181 2.00 36.33 -14.00
C ALA B 181 1.88 36.13 -12.48
N LEU B 182 0.78 35.53 -12.03
CA LEU B 182 0.60 35.30 -10.60
C LEU B 182 1.61 34.25 -10.11
N ILE B 183 1.79 33.18 -10.88
CA ILE B 183 2.78 32.16 -10.55
C ILE B 183 4.17 32.79 -10.49
N ALA B 184 4.49 33.68 -11.44
CA ALA B 184 5.78 34.33 -11.46
C ALA B 184 5.89 35.28 -10.26
N ARG B 185 4.79 35.91 -9.85
CA ARG B 185 4.82 36.83 -8.73
C ARG B 185 5.08 36.04 -7.45
N ILE B 186 4.48 34.85 -7.36
CA ILE B 186 4.68 34.00 -6.19
C ILE B 186 6.16 33.61 -6.13
N ASN B 187 6.68 33.16 -7.26
CA ASN B 187 8.07 32.73 -7.37
C ASN B 187 9.03 33.83 -6.94
N THR B 188 8.85 35.05 -7.48
CA THR B 188 9.79 36.12 -7.22
C THR B 188 9.76 36.52 -5.75
N TYR B 189 8.52 36.60 -5.20
CA TYR B 189 8.34 36.94 -3.80
C TYR B 189 9.02 35.91 -2.91
N ALA B 190 8.78 34.63 -3.19
CA ALA B 190 9.29 33.57 -2.33
C ALA B 190 10.81 33.46 -2.44
N LYS B 191 11.34 33.51 -3.66
CA LYS B 191 12.77 33.30 -3.85
C LYS B 191 13.57 34.47 -3.25
N ALA B 192 12.93 35.63 -3.12
CA ALA B 192 13.59 36.75 -2.46
C ALA B 192 13.87 36.43 -0.99
N ARG B 193 13.04 35.58 -0.39
CA ARG B 193 13.18 35.18 1.00
C ARG B 193 14.01 33.91 1.13
N ASN B 194 13.90 33.01 0.16
CA ASN B 194 14.61 31.75 0.15
C ASN B 194 14.84 31.34 -1.29
N PRO B 195 16.07 31.48 -1.84
CA PRO B 195 16.25 31.27 -3.28
C PRO B 195 16.03 29.82 -3.68
N ASP B 196 16.01 28.92 -2.68
CA ASP B 196 15.83 27.49 -2.93
C ASP B 196 14.36 27.07 -2.83
N PHE B 197 13.45 28.02 -2.58
CA PHE B 197 12.05 27.70 -2.37
C PHE B 197 11.42 27.36 -3.73
N LYS B 198 10.93 26.13 -3.85
CA LYS B 198 10.48 25.57 -5.11
C LYS B 198 9.02 25.97 -5.38
N VAL B 199 8.73 26.16 -6.66
CA VAL B 199 7.40 26.54 -7.11
C VAL B 199 6.94 25.47 -8.10
N VAL B 200 5.82 24.84 -7.74
CA VAL B 200 5.23 23.75 -8.49
C VAL B 200 3.73 24.00 -8.66
N PRO B 201 3.31 24.52 -9.83
CA PRO B 201 1.88 24.61 -10.14
C PRO B 201 1.33 23.22 -10.38
N GLN B 202 0.03 23.04 -10.16
CA GLN B 202 -0.63 21.79 -10.48
C GLN B 202 -1.57 22.00 -11.66
N ASN B 203 -1.47 21.12 -12.66
CA ASN B 203 -2.30 21.09 -13.85
C ASN B 203 -2.00 22.28 -14.76
N SER B 204 -2.80 22.43 -15.82
CA SER B 204 -2.69 23.52 -16.79
C SER B 204 -1.30 23.56 -17.44
N PRO B 205 -0.75 22.43 -17.91
CA PRO B 205 0.59 22.43 -18.52
C PRO B 205 0.72 23.26 -19.80
N GLU B 206 -0.42 23.57 -20.43
CA GLU B 206 -0.42 24.30 -21.69
C GLU B 206 0.08 25.73 -21.48
N LEU B 207 0.18 26.14 -20.20
CA LEU B 207 0.69 27.46 -19.87
C LEU B 207 2.17 27.55 -20.21
N VAL B 208 2.80 26.42 -20.50
CA VAL B 208 4.18 26.33 -20.92
C VAL B 208 4.42 27.19 -22.17
N ASP B 209 3.36 27.50 -22.94
CA ASP B 209 3.52 28.27 -24.16
C ASP B 209 3.93 29.71 -23.82
N ASP B 210 3.55 30.17 -22.61
CA ASP B 210 3.86 31.52 -22.17
C ASP B 210 5.33 31.59 -21.77
N PRO B 211 6.15 32.48 -22.38
CA PRO B 211 7.57 32.55 -22.02
C PRO B 211 7.84 32.83 -20.54
N ALA B 212 6.87 33.40 -19.82
CA ALA B 212 7.10 33.74 -18.42
C ALA B 212 6.93 32.51 -17.53
N TYR B 213 6.43 31.41 -18.09
CA TYR B 213 6.06 30.25 -17.30
C TYR B 213 7.28 29.47 -16.82
N LEU B 214 8.08 28.96 -17.77
CA LEU B 214 9.14 28.04 -17.40
C LEU B 214 10.13 28.70 -16.44
N PRO B 215 10.54 29.99 -16.62
CA PRO B 215 11.44 30.61 -15.65
C PRO B 215 10.89 30.78 -14.25
N ALA B 216 9.58 30.61 -14.09
CA ALA B 216 8.95 30.87 -12.80
C ALA B 216 8.74 29.58 -11.99
N ILE B 217 8.97 28.41 -12.60
CA ILE B 217 8.64 27.16 -11.94
C ILE B 217 9.86 26.25 -11.83
N ASP B 218 9.76 25.32 -10.87
CA ASP B 218 10.78 24.32 -10.66
C ASP B 218 10.23 22.92 -10.93
N GLY B 219 8.91 22.79 -11.01
CA GLY B 219 8.28 21.49 -11.15
C GLY B 219 6.84 21.71 -11.58
N LEU B 220 6.16 20.62 -11.93
CA LEU B 220 4.75 20.71 -12.33
C LEU B 220 4.09 19.46 -11.76
N GLY B 221 2.94 19.65 -11.10
CA GLY B 221 2.11 18.53 -10.68
C GLY B 221 1.02 18.30 -11.72
N MET B 222 0.79 17.05 -12.09
CA MET B 222 -0.24 16.73 -13.07
C MET B 222 -1.13 15.64 -12.49
N GLU B 223 -2.42 15.93 -12.38
CA GLU B 223 -3.39 14.94 -12.01
C GLU B 223 -4.04 14.36 -13.28
N ASP B 224 -4.41 13.09 -13.19
CA ASP B 224 -5.40 12.49 -14.07
C ASP B 224 -4.93 12.40 -15.53
N MET B 225 -3.63 12.24 -15.75
CA MET B 225 -3.13 12.04 -17.11
C MET B 225 -3.45 10.63 -17.61
N TYR B 226 -3.61 9.67 -16.69
CA TYR B 226 -3.71 8.27 -17.05
C TYR B 226 -5.01 7.65 -16.54
N TRP B 227 -5.27 7.75 -15.22
CA TRP B 227 -6.40 7.10 -14.58
C TRP B 227 -7.09 8.03 -13.60
N SER B 228 -8.42 8.18 -13.78
CA SER B 228 -9.25 9.05 -12.95
C SER B 228 -10.34 8.24 -12.29
N ASP B 229 -10.13 7.90 -11.01
CA ASP B 229 -11.02 7.04 -10.24
C ASP B 229 -11.27 5.74 -11.03
N ASP B 230 -10.17 5.14 -11.49
CA ASP B 230 -10.15 3.88 -12.22
C ASP B 230 -10.84 3.98 -13.58
N VAL B 231 -10.95 5.20 -14.14
CA VAL B 231 -11.45 5.41 -15.48
C VAL B 231 -10.34 6.04 -16.34
N ALA B 232 -10.13 5.45 -17.53
CA ALA B 232 -9.03 5.86 -18.38
C ALA B 232 -9.21 7.30 -18.86
N CYS B 233 -8.11 8.07 -18.79
CA CYS B 233 -8.03 9.36 -19.44
C CYS B 233 -7.65 9.11 -20.90
N ASP B 234 -8.65 8.83 -21.73
CA ASP B 234 -8.40 8.40 -23.10
C ASP B 234 -9.01 9.40 -24.10
N GLU B 235 -9.24 10.64 -23.66
CA GLU B 235 -9.82 11.66 -24.49
C GLU B 235 -8.73 12.55 -25.09
N GLY B 236 -9.14 13.43 -26.02
CA GLY B 236 -8.21 14.33 -26.67
C GLY B 236 -7.54 15.24 -25.64
N TRP B 237 -8.34 15.72 -24.69
CA TRP B 237 -7.81 16.64 -23.69
C TRP B 237 -6.74 15.95 -22.86
N CYS B 238 -6.87 14.63 -22.70
CA CYS B 238 -5.90 13.83 -21.95
C CYS B 238 -4.55 13.84 -22.67
N GLU B 239 -4.58 13.58 -23.98
CA GLU B 239 -3.37 13.49 -24.76
C GLU B 239 -2.65 14.83 -24.79
N GLU B 240 -3.40 15.93 -24.91
CA GLU B 240 -2.85 17.27 -24.91
C GLU B 240 -2.12 17.54 -23.58
N ASN B 241 -2.73 17.10 -22.47
CA ASN B 241 -2.13 17.26 -21.16
C ASN B 241 -0.80 16.50 -21.09
N ARG B 242 -0.75 15.30 -21.66
CA ARG B 242 0.43 14.46 -21.59
C ARG B 242 1.57 15.07 -22.42
N THR B 243 1.21 15.63 -23.59
CA THR B 243 2.18 16.24 -24.49
C THR B 243 2.77 17.49 -23.84
N ASN B 244 1.90 18.26 -23.18
CA ASN B 244 2.33 19.52 -22.59
C ASN B 244 3.20 19.23 -21.36
N ALA B 245 2.86 18.19 -20.59
CA ALA B 245 3.69 17.76 -19.49
C ALA B 245 5.08 17.36 -19.99
N ALA B 246 5.12 16.63 -21.12
CA ALA B 246 6.36 16.22 -21.74
C ALA B 246 7.20 17.44 -22.10
N ARG B 247 6.54 18.50 -22.58
CA ARG B 247 7.24 19.74 -22.90
C ARG B 247 7.90 20.32 -21.65
N VAL B 248 7.19 20.30 -20.51
CA VAL B 248 7.70 20.86 -19.28
C VAL B 248 8.86 20.01 -18.78
N ARG B 249 8.74 18.68 -18.86
CA ARG B 249 9.80 17.78 -18.43
C ARG B 249 11.05 17.98 -19.31
N ALA B 250 10.86 18.21 -20.61
CA ALA B 250 11.99 18.36 -21.53
C ALA B 250 12.78 19.63 -21.19
N ALA B 251 12.15 20.55 -20.45
CA ALA B 251 12.77 21.81 -20.07
C ALA B 251 13.38 21.71 -18.67
N GLY B 252 13.48 20.48 -18.15
CA GLY B 252 14.26 20.20 -16.96
C GLY B 252 13.50 20.43 -15.65
N LYS B 253 12.17 20.47 -15.72
CA LYS B 253 11.36 20.60 -14.51
C LYS B 253 11.03 19.23 -13.95
N LEU B 254 10.84 19.15 -12.64
CA LEU B 254 10.37 17.93 -12.01
C LEU B 254 8.88 17.79 -12.27
N VAL B 255 8.45 16.66 -12.85
CA VAL B 255 7.04 16.46 -13.11
C VAL B 255 6.51 15.35 -12.21
N LEU B 256 5.56 15.71 -11.35
CA LEU B 256 4.99 14.81 -10.36
C LEU B 256 3.59 14.44 -10.83
N SER B 257 3.38 13.18 -11.24
CA SER B 257 2.07 12.81 -11.74
C SER B 257 1.30 12.12 -10.62
N THR B 258 0.05 12.53 -10.44
CA THR B 258 -0.84 11.89 -9.50
C THR B 258 -2.01 11.32 -10.29
N ASP B 259 -2.20 10.00 -10.17
CA ASP B 259 -3.37 9.36 -10.74
C ASP B 259 -4.16 8.71 -9.62
N TYR B 260 -5.42 8.39 -9.92
CA TYR B 260 -6.34 7.98 -8.89
C TYR B 260 -6.95 6.66 -9.33
N ALA B 261 -6.55 5.58 -8.65
CA ALA B 261 -6.92 4.25 -9.06
C ALA B 261 -6.51 3.26 -8.00
N THR B 262 -7.25 2.16 -7.88
CA THR B 262 -6.85 1.05 -7.02
C THR B 262 -6.65 -0.25 -7.80
N GLN B 263 -7.18 -0.34 -9.03
CA GLN B 263 -7.10 -1.60 -9.75
C GLN B 263 -5.65 -1.82 -10.22
N SER B 264 -5.15 -3.03 -10.01
CA SER B 264 -3.73 -3.32 -10.21
C SER B 264 -3.26 -3.01 -11.63
N ALA B 265 -4.06 -3.30 -12.67
CA ALA B 265 -3.62 -3.03 -14.02
C ALA B 265 -3.52 -1.52 -14.28
N HIS B 266 -4.43 -0.76 -13.68
CA HIS B 266 -4.47 0.69 -13.76
C HIS B 266 -3.30 1.32 -13.03
N VAL B 267 -3.03 0.85 -11.80
CA VAL B 267 -1.89 1.34 -11.03
C VAL B 267 -0.61 1.15 -11.84
N ALA B 268 -0.41 -0.07 -12.35
CA ALA B 268 0.79 -0.43 -13.07
C ALA B 268 0.93 0.46 -14.31
N ASP B 269 -0.20 0.70 -14.98
CA ASP B 269 -0.22 1.48 -16.20
C ASP B 269 0.22 2.92 -15.91
N ALA B 270 -0.31 3.53 -14.84
CA ALA B 270 0.07 4.90 -14.50
C ALA B 270 1.57 4.98 -14.18
N TYR B 271 2.05 4.09 -13.30
CA TYR B 271 3.45 4.11 -12.91
C TYR B 271 4.34 3.89 -14.13
N THR B 272 3.96 2.97 -15.02
CA THR B 272 4.79 2.59 -16.14
C THR B 272 4.88 3.75 -17.13
N ARG B 273 3.72 4.33 -17.50
CA ARG B 273 3.71 5.34 -18.53
C ARG B 273 4.37 6.61 -18.00
N SER B 274 4.10 6.90 -16.72
CA SER B 274 4.66 8.08 -16.09
C SER B 274 6.20 8.02 -16.11
N ARG B 275 6.77 6.91 -15.66
CA ARG B 275 8.21 6.75 -15.61
C ARG B 275 8.81 6.71 -17.02
N ALA B 276 8.09 6.14 -18.00
CA ALA B 276 8.57 6.10 -19.37
C ALA B 276 8.69 7.52 -19.93
N ALA B 277 7.84 8.44 -19.46
CA ALA B 277 7.85 9.81 -19.93
C ALA B 277 8.86 10.67 -19.17
N GLY B 278 9.52 10.10 -18.16
CA GLY B 278 10.47 10.82 -17.31
C GLY B 278 9.77 11.60 -16.19
N PHE B 279 8.53 11.23 -15.88
CA PHE B 279 7.81 11.84 -14.79
C PHE B 279 8.01 10.99 -13.54
N VAL B 280 7.60 11.55 -12.40
CA VAL B 280 7.64 10.84 -11.14
C VAL B 280 6.22 10.57 -10.70
N PRO B 281 5.78 9.29 -10.75
CA PRO B 281 4.39 8.93 -10.44
C PRO B 281 4.04 8.64 -9.00
N TYR B 282 2.77 8.90 -8.71
CA TYR B 282 2.09 8.44 -7.52
C TYR B 282 0.66 8.11 -7.92
N VAL B 283 0.14 7.04 -7.32
CA VAL B 283 -1.27 6.74 -7.48
C VAL B 283 -1.90 6.66 -6.10
N THR B 284 -3.04 7.30 -5.95
CA THR B 284 -3.66 7.38 -4.64
C THR B 284 -5.17 7.54 -4.83
N VAL B 285 -5.83 8.04 -3.79
CA VAL B 285 -7.27 8.24 -3.77
C VAL B 285 -7.56 9.75 -3.86
N ARG B 286 -8.69 10.10 -4.48
CA ARG B 286 -8.96 11.50 -4.78
C ARG B 286 -9.11 12.34 -3.50
N ALA B 287 -9.52 11.69 -2.41
CA ALA B 287 -9.66 12.34 -1.13
C ALA B 287 -8.33 12.83 -0.57
N LEU B 288 -7.21 12.28 -1.06
CA LEU B 288 -5.88 12.64 -0.59
C LEU B 288 -5.84 12.63 0.93
N ASP B 289 -6.32 11.52 1.54
CA ASP B 289 -6.61 11.50 2.96
C ASP B 289 -5.82 10.40 3.66
N ARG B 290 -4.72 9.97 3.05
CA ARG B 290 -3.96 8.82 3.54
C ARG B 290 -2.70 8.68 2.70
N VAL B 291 -1.73 7.98 3.25
CA VAL B 291 -0.47 7.73 2.58
C VAL B 291 -0.60 6.40 1.87
N THR B 292 -1.15 6.44 0.64
CA THR B 292 -1.23 5.27 -0.20
C THR B 292 0.19 4.76 -0.46
N VAL B 293 0.32 3.44 -0.34
CA VAL B 293 1.51 2.74 -0.73
C VAL B 293 1.09 1.66 -1.71
N ASN B 294 1.65 1.71 -2.91
CA ASN B 294 1.38 0.73 -3.95
C ASN B 294 2.55 -0.24 -3.99
N ALA B 295 2.39 -1.39 -3.35
CA ALA B 295 3.49 -2.34 -3.25
C ALA B 295 4.02 -2.71 -4.62
N GLY B 296 5.34 -2.66 -4.76
CA GLY B 296 6.00 -3.00 -6.00
C GLY B 296 6.27 -1.77 -6.86
N TRP B 297 5.56 -0.67 -6.56
CA TRP B 297 5.70 0.57 -7.32
C TRP B 297 6.30 1.67 -6.46
N ASP B 298 5.92 1.71 -5.19
CA ASP B 298 6.43 2.72 -4.27
C ASP B 298 7.52 2.09 -3.42
N PRO B 299 8.47 2.92 -2.94
CA PRO B 299 9.58 2.42 -2.15
C PRO B 299 9.06 1.86 -0.83
N GLN B 300 9.68 0.75 -0.40
CA GLN B 300 9.37 0.13 0.87
C GLN B 300 10.67 -0.41 1.52
#